data_5ZQA
#
_entry.id   5ZQA
#
_cell.length_a   37.669
_cell.length_b   74.582
_cell.length_c   74.955
_cell.angle_alpha   90.00
_cell.angle_beta   90.00
_cell.angle_gamma   90.00
#
_symmetry.space_group_name_H-M   'P 21 21 21'
#
loop_
_entity.id
_entity.type
_entity.pdbx_description
1 polymer 'Lmo2812 protein'
2 non-polymer 'MAGNESIUM ION'
3 non-polymer DI(HYDROXYETHYL)ETHER
4 water water
#
_entity_poly.entity_id   1
_entity_poly.type   'polypeptide(L)'
_entity_poly.pdbx_seq_one_letter_code
;HHHHHHDYDIPTTENLYFQGAMGSSTEQPNLYLSANAAAVYSVENGEALYEQNADKVMPIASLSKLMTAFLVLEAVDNNE
LSWDEKLDLVRLDDPSAVSLYAITQKRTWSVRDLYSAMLTMSANDAAETLGDRLDGADFPKEMNNQAKKLGMSSKTTFVS
ASGLDVDGKSAVSTTKDLFLLSSKLISTHPEVLETTSKPTVTTDKGAKLESTNDLLGSIQGLDGLKTGFTDEAGYCFIGT
AERGGKRVISIVLDAGTAEKRFKDTEKLMEVGFKED
;
_entity_poly.pdbx_strand_id   A
#
# COMPACT_ATOMS: atom_id res chain seq x y z
N GLU A 27 -14.30 10.11 25.09
CA GLU A 27 -13.10 10.67 24.50
C GLU A 27 -12.92 10.16 23.07
N GLN A 28 -12.38 8.95 22.95
CA GLN A 28 -12.33 8.27 21.67
C GLN A 28 -13.33 7.12 21.72
N PRO A 29 -14.01 6.85 20.60
CA PRO A 29 -15.13 5.92 20.59
C PRO A 29 -14.74 4.49 20.95
N ASN A 30 -15.77 3.70 21.23
CA ASN A 30 -15.62 2.30 21.56
C ASN A 30 -16.01 1.47 20.35
N LEU A 31 -15.02 1.09 19.54
CA LEU A 31 -15.30 0.30 18.34
C LEU A 31 -15.07 -1.18 18.56
N TYR A 32 -15.82 -1.99 17.84
CA TYR A 32 -15.59 -3.42 17.86
C TYR A 32 -15.23 -3.89 16.47
N LEU A 33 -13.93 -4.03 16.25
CA LEU A 33 -13.38 -4.31 14.92
C LEU A 33 -12.86 -5.72 14.85
N SER A 34 -12.79 -6.26 13.64
CA SER A 34 -12.13 -7.55 13.44
C SER A 34 -10.63 -7.41 13.55
N ALA A 35 -10.13 -6.32 13.01
CA ALA A 35 -8.70 -6.03 13.00
C ALA A 35 -8.07 -6.17 14.37
N ASN A 36 -6.89 -6.76 14.41
CA ASN A 36 -6.16 -6.83 15.67
C ASN A 36 -5.37 -5.55 15.97
N ALA A 37 -5.08 -4.76 14.94
CA ALA A 37 -4.54 -3.41 15.14
C ALA A 37 -5.24 -2.48 14.17
N ALA A 38 -5.65 -1.31 14.65
CA ALA A 38 -6.38 -0.39 13.79
C ALA A 38 -6.27 1.03 14.29
N ALA A 39 -6.44 1.97 13.38
CA ALA A 39 -6.38 3.37 13.75
C ALA A 39 -6.94 4.23 12.63
N VAL A 40 -7.33 5.45 12.97
CA VAL A 40 -7.64 6.45 11.95
C VAL A 40 -7.10 7.77 12.45
N TYR A 41 -6.48 8.52 11.53
CA TYR A 41 -5.77 9.76 11.84
C TYR A 41 -6.21 10.90 10.94
N SER A 42 -6.18 12.11 11.49
CA SER A 42 -6.32 13.32 10.70
C SER A 42 -4.99 13.74 10.07
N VAL A 43 -4.97 13.86 8.75
CA VAL A 43 -3.75 14.25 8.05
C VAL A 43 -3.29 15.66 8.39
N GLU A 44 -4.24 16.57 8.60
CA GLU A 44 -3.90 17.98 8.74
C GLU A 44 -3.01 18.27 9.96
N ASN A 45 -3.33 17.65 11.09
CA ASN A 45 -2.56 17.91 12.31
C ASN A 45 -1.99 16.66 12.98
N GLY A 46 -2.19 15.50 12.35
CA GLY A 46 -1.69 14.25 12.88
C GLY A 46 -2.48 13.64 14.03
N GLU A 47 -3.63 14.21 14.38
CA GLU A 47 -4.36 13.72 15.55
C GLU A 47 -4.91 12.31 15.35
N ALA A 48 -4.62 11.44 16.31
CA ALA A 48 -5.22 10.10 16.32
C ALA A 48 -6.67 10.22 16.76
N LEU A 49 -7.60 9.79 15.91
CA LEU A 49 -9.03 9.85 16.24
C LEU A 49 -9.53 8.53 16.83
N TYR A 50 -8.83 7.46 16.52
CA TYR A 50 -9.04 6.16 17.15
C TYR A 50 -7.76 5.36 17.03
N GLU A 51 -7.37 4.68 18.10
CA GLU A 51 -6.21 3.80 18.07
C GLU A 51 -6.46 2.53 18.87
N GLN A 52 -6.07 1.41 18.27
CA GLN A 52 -6.14 0.12 18.92
C GLN A 52 -4.88 -0.66 18.58
N ASN A 53 -4.03 -0.92 19.57
CA ASN A 53 -2.75 -1.59 19.33
C ASN A 53 -1.90 -0.84 18.32
N ALA A 54 -1.88 0.49 18.42
CA ALA A 54 -1.24 1.34 17.42
C ALA A 54 0.28 1.27 17.46
N ASP A 55 0.82 0.74 18.55
CA ASP A 55 2.27 0.61 18.73
C ASP A 55 2.73 -0.84 18.53
N LYS A 56 1.80 -1.74 18.22
CA LYS A 56 2.12 -3.15 18.08
C LYS A 56 2.77 -3.44 16.72
N VAL A 57 3.89 -4.15 16.75
CA VAL A 57 4.56 -4.53 15.50
C VAL A 57 3.78 -5.65 14.79
N MET A 58 3.44 -5.40 13.54
CA MET A 58 2.57 -6.27 12.76
C MET A 58 3.15 -6.54 11.38
N PRO A 59 2.97 -7.75 10.85
CA PRO A 59 3.29 -8.01 9.44
C PRO A 59 2.42 -7.18 8.52
N ILE A 60 3.00 -6.61 7.48
CA ILE A 60 2.24 -5.71 6.61
C ILE A 60 2.11 -6.15 5.16
N ALA A 61 2.86 -7.18 4.77
CA ALA A 61 2.71 -7.79 3.45
C ALA A 61 2.72 -6.75 2.30
N SER A 62 1.73 -6.79 1.42
CA SER A 62 1.71 -5.90 0.26
C SER A 62 1.54 -4.41 0.58
N LEU A 63 1.29 -4.06 1.83
CA LEU A 63 1.29 -2.63 2.16
C LEU A 63 2.68 -2.07 1.89
N SER A 64 3.69 -2.97 1.87
CA SER A 64 5.05 -2.59 1.49
C SER A 64 5.11 -1.90 0.13
N LYS A 65 4.18 -2.22 -0.75
CA LYS A 65 4.17 -1.62 -2.09
C LYS A 65 3.99 -0.12 -2.07
N LEU A 66 3.49 0.45 -0.97
CA LEU A 66 3.39 1.90 -0.88
C LEU A 66 4.77 2.54 -0.82
N MET A 67 5.73 1.86 -0.19
CA MET A 67 7.09 2.41 -0.14
C MET A 67 7.74 2.26 -1.50
N THR A 68 7.51 1.11 -2.16
CA THR A 68 8.02 0.95 -3.51
C THR A 68 7.42 2.02 -4.45
N ALA A 69 6.11 2.28 -4.32
CA ALA A 69 5.47 3.34 -5.11
C ALA A 69 6.14 4.68 -4.85
N PHE A 70 6.39 5.01 -3.58
CA PHE A 70 7.03 6.27 -3.23
C PHE A 70 8.37 6.41 -3.94
N LEU A 71 9.16 5.35 -3.93
CA LEU A 71 10.48 5.39 -4.54
C LEU A 71 10.44 5.45 -6.07
N VAL A 72 9.45 4.80 -6.69
CA VAL A 72 9.23 4.93 -8.13
C VAL A 72 8.89 6.37 -8.49
N LEU A 73 7.98 6.96 -7.73
CA LEU A 73 7.52 8.32 -8.01
C LEU A 73 8.65 9.34 -7.78
N GLU A 74 9.46 9.12 -6.74
CA GLU A 74 10.65 9.96 -6.52
C GLU A 74 11.61 9.86 -7.72
N ALA A 75 11.84 8.65 -8.20
CA ALA A 75 12.77 8.43 -9.31
C ALA A 75 12.31 9.16 -10.56
N VAL A 76 11.02 9.12 -10.85
CA VAL A 76 10.54 9.82 -12.02
C VAL A 76 10.72 11.33 -11.85
N ASP A 77 10.38 11.87 -10.69
CA ASP A 77 10.51 13.32 -10.49
C ASP A 77 11.95 13.77 -10.57
N ASN A 78 12.85 12.89 -10.13
CA ASN A 78 14.27 13.19 -10.04
C ASN A 78 15.02 12.87 -11.32
N ASN A 79 14.28 12.54 -12.39
CA ASN A 79 14.84 12.31 -13.72
C ASN A 79 15.72 11.06 -13.75
N GLU A 80 15.33 10.05 -12.98
CA GLU A 80 16.11 8.83 -12.83
C GLU A 80 15.37 7.60 -13.37
N LEU A 81 14.15 7.82 -13.84
CA LEU A 81 13.28 6.74 -14.30
C LEU A 81 12.24 7.33 -15.24
N SER A 82 11.94 6.63 -16.33
CA SER A 82 10.91 7.07 -17.26
C SER A 82 9.73 6.12 -17.27
N TRP A 83 8.53 6.67 -17.38
CA TRP A 83 7.32 5.86 -17.37
C TRP A 83 7.25 4.87 -18.56
N ASP A 84 7.98 5.17 -19.64
CA ASP A 84 7.90 4.32 -20.82
C ASP A 84 9.01 3.28 -20.92
N GLU A 85 9.89 3.20 -19.93
CA GLU A 85 10.88 2.12 -19.92
C GLU A 85 10.13 0.79 -19.88
N LYS A 86 10.65 -0.20 -20.61
CA LYS A 86 10.03 -1.52 -20.66
C LYS A 86 10.89 -2.50 -19.88
N LEU A 87 10.27 -3.16 -18.91
CA LEU A 87 11.01 -4.04 -18.03
C LEU A 87 10.43 -5.45 -18.09
N ASP A 88 11.27 -6.44 -17.77
CA ASP A 88 10.84 -7.83 -17.80
C ASP A 88 10.46 -8.30 -16.41
N LEU A 89 9.25 -8.84 -16.29
CA LEU A 89 8.75 -9.32 -15.00
C LEU A 89 9.67 -10.39 -14.43
N VAL A 90 10.04 -10.22 -13.16
CA VAL A 90 10.83 -11.22 -12.48
C VAL A 90 9.97 -12.44 -12.22
N ARG A 91 10.59 -13.61 -12.20
CA ARG A 91 9.87 -14.83 -11.87
C ARG A 91 9.80 -14.99 -10.36
N LEU A 92 8.63 -15.29 -9.84
CA LEU A 92 8.45 -15.50 -8.42
C LEU A 92 8.60 -16.98 -8.09
N ASP A 93 9.24 -17.30 -6.97
CA ASP A 93 9.34 -18.71 -6.59
C ASP A 93 8.18 -19.12 -5.69
N ASP A 94 7.40 -18.14 -5.23
CA ASP A 94 6.21 -18.41 -4.44
C ASP A 94 5.00 -18.60 -5.35
N PRO A 95 4.47 -19.83 -5.42
CA PRO A 95 3.33 -20.22 -6.24
C PRO A 95 2.03 -19.48 -5.90
N SER A 96 1.82 -19.18 -4.62
CA SER A 96 0.57 -18.61 -4.16
C SER A 96 0.52 -17.08 -4.26
N ALA A 97 1.62 -16.47 -4.68
CA ALA A 97 1.70 -15.01 -4.74
C ALA A 97 0.98 -14.45 -5.97
N VAL A 98 0.21 -13.39 -5.75
CA VAL A 98 -0.47 -12.68 -6.81
C VAL A 98 0.56 -12.15 -7.80
N SER A 99 0.31 -12.36 -9.09
CA SER A 99 1.25 -11.90 -10.08
C SER A 99 0.58 -11.47 -11.37
N LEU A 100 1.20 -10.48 -12.00
CA LEU A 100 0.72 -9.96 -13.26
C LEU A 100 0.95 -10.98 -14.36
N TYR A 101 2.07 -11.68 -14.31
CA TYR A 101 2.38 -12.65 -15.37
C TYR A 101 1.35 -13.77 -15.40
N ALA A 102 0.93 -14.23 -14.23
CA ALA A 102 0.03 -15.40 -14.16
C ALA A 102 -1.26 -15.15 -14.92
N ILE A 103 -1.80 -13.94 -14.85
CA ILE A 103 -3.08 -13.68 -15.49
C ILE A 103 -2.96 -13.09 -16.91
N THR A 104 -1.76 -12.73 -17.34
CA THR A 104 -1.60 -12.15 -18.69
C THR A 104 -0.68 -12.95 -19.59
N GLN A 105 0.24 -13.69 -18.99
CA GLN A 105 1.30 -14.39 -19.72
C GLN A 105 2.13 -13.46 -20.61
N LYS A 106 2.23 -12.20 -20.21
CA LYS A 106 3.10 -11.24 -20.90
C LYS A 106 4.27 -10.88 -19.96
N ARG A 107 5.48 -10.97 -20.49
CA ARG A 107 6.67 -10.77 -19.68
C ARG A 107 7.07 -9.30 -19.56
N THR A 108 6.87 -8.54 -20.63
CA THR A 108 7.47 -7.21 -20.75
C THR A 108 6.43 -6.10 -20.69
N TRP A 109 6.61 -5.17 -19.76
CA TRP A 109 5.64 -4.10 -19.48
C TRP A 109 6.32 -2.78 -19.27
N SER A 110 5.61 -1.69 -19.53
CA SER A 110 6.12 -0.37 -19.21
C SER A 110 6.12 -0.15 -17.71
N VAL A 111 7.03 0.72 -17.25
CA VAL A 111 7.08 1.12 -15.85
C VAL A 111 5.72 1.64 -15.38
N ARG A 112 5.04 2.41 -16.23
CA ARG A 112 3.69 2.86 -15.93
C ARG A 112 2.75 1.69 -15.61
N ASP A 113 2.76 0.68 -16.48
CA ASP A 113 1.84 -0.44 -16.30
C ASP A 113 2.24 -1.30 -15.10
N LEU A 114 3.54 -1.42 -14.83
CA LEU A 114 4.01 -2.16 -13.65
C LEU A 114 3.57 -1.47 -12.37
N TYR A 115 3.74 -0.15 -12.34
CA TYR A 115 3.28 0.68 -11.22
C TYR A 115 1.76 0.53 -11.02
N SER A 116 0.99 0.60 -12.10
CA SER A 116 -0.45 0.39 -11.98
C SER A 116 -0.78 -0.99 -11.45
N ALA A 117 -0.13 -2.02 -11.98
CA ALA A 117 -0.41 -3.40 -11.55
C ALA A 117 -0.07 -3.61 -10.08
N MET A 118 1.06 -3.07 -9.64
CA MET A 118 1.45 -3.14 -8.25
C MET A 118 0.39 -2.53 -7.33
N LEU A 119 -0.09 -1.33 -7.66
CA LEU A 119 -1.02 -0.63 -6.76
C LEU A 119 -2.45 -1.14 -6.85
N THR A 120 -2.86 -1.55 -8.04
CA THR A 120 -4.27 -1.89 -8.31
C THR A 120 -4.60 -3.33 -7.96
N MET A 121 -3.86 -4.27 -8.53
CA MET A 121 -4.13 -5.69 -8.29
C MET A 121 -3.14 -6.35 -7.34
N SER A 122 -2.19 -5.58 -6.84
CA SER A 122 -1.20 -6.04 -5.87
C SER A 122 -0.27 -7.08 -6.50
N ALA A 123 0.19 -6.78 -7.71
CA ALA A 123 1.07 -7.71 -8.44
C ALA A 123 2.48 -7.71 -7.84
N ASN A 124 2.85 -8.84 -7.24
CA ASN A 124 4.15 -8.96 -6.58
C ASN A 124 5.32 -8.93 -7.55
N ASP A 125 5.16 -9.57 -8.70
CA ASP A 125 6.23 -9.57 -9.68
C ASP A 125 6.47 -8.16 -10.22
N ALA A 126 5.41 -7.38 -10.42
CA ALA A 126 5.58 -6.00 -10.89
C ALA A 126 6.40 -5.18 -9.89
N ALA A 127 6.07 -5.33 -8.61
CA ALA A 127 6.82 -4.63 -7.56
C ALA A 127 8.30 -5.01 -7.55
N GLU A 128 8.58 -6.31 -7.64
CA GLU A 128 9.97 -6.78 -7.57
C GLU A 128 10.76 -6.27 -8.78
N THR A 129 10.10 -6.21 -9.92
CA THR A 129 10.72 -5.76 -11.17
C THR A 129 11.10 -4.27 -11.06
N LEU A 130 10.19 -3.48 -10.52
CA LEU A 130 10.47 -2.06 -10.28
C LEU A 130 11.63 -1.84 -9.30
N GLY A 131 11.62 -2.57 -8.19
CA GLY A 131 12.70 -2.46 -7.22
C GLY A 131 14.05 -2.83 -7.83
N ASP A 132 14.07 -3.90 -8.62
CA ASP A 132 15.29 -4.33 -9.30
C ASP A 132 15.83 -3.24 -10.22
N ARG A 133 14.95 -2.62 -10.99
CA ARG A 133 15.36 -1.55 -11.90
C ARG A 133 15.95 -0.39 -11.12
N LEU A 134 15.36 -0.07 -9.97
CA LEU A 134 15.83 1.07 -9.20
C LEU A 134 17.16 0.84 -8.48
N ASP A 135 17.33 -0.32 -7.84
CA ASP A 135 18.52 -0.52 -7.01
C ASP A 135 19.04 -1.94 -6.96
N GLY A 136 18.62 -2.77 -7.92
CA GLY A 136 19.03 -4.17 -7.95
C GLY A 136 18.70 -4.90 -6.66
N ALA A 137 19.64 -5.72 -6.20
CA ALA A 137 19.43 -6.52 -5.00
C ALA A 137 19.47 -5.67 -3.73
N ASP A 138 19.80 -4.39 -3.85
CA ASP A 138 19.89 -3.52 -2.69
C ASP A 138 18.63 -2.69 -2.44
N PHE A 139 17.56 -2.99 -3.16
CA PHE A 139 16.35 -2.17 -3.00
C PHE A 139 15.77 -2.17 -1.57
N PRO A 140 15.74 -3.32 -0.87
CA PRO A 140 15.21 -3.24 0.51
C PRO A 140 15.98 -2.26 1.39
N LYS A 141 17.29 -2.16 1.19
CA LYS A 141 18.08 -1.19 1.94
C LYS A 141 17.62 0.23 1.63
N GLU A 142 17.30 0.50 0.37
CA GLU A 142 16.81 1.82 -0.01
C GLU A 142 15.42 2.08 0.55
N MET A 143 14.57 1.05 0.63
CA MET A 143 13.27 1.19 1.25
C MET A 143 13.43 1.60 2.72
N ASN A 144 14.34 0.93 3.43
CA ASN A 144 14.53 1.25 4.84
C ASN A 144 15.26 2.59 5.03
N ASN A 145 16.13 2.93 4.10
CA ASN A 145 16.74 4.27 4.14
C ASN A 145 15.70 5.36 4.00
N GLN A 146 14.74 5.16 3.12
CA GLN A 146 13.68 6.14 2.91
C GLN A 146 12.77 6.21 4.13
N ALA A 147 12.52 5.05 4.75
CA ALA A 147 11.70 5.00 5.96
C ALA A 147 12.33 5.90 7.02
N LYS A 148 13.64 5.77 7.21
CA LYS A 148 14.35 6.60 8.18
C LYS A 148 14.29 8.08 7.79
N LYS A 149 14.54 8.34 6.51
CA LYS A 149 14.62 9.71 6.01
C LYS A 149 13.29 10.42 6.19
N LEU A 150 12.21 9.66 6.07
CA LEU A 150 10.85 10.19 6.19
C LEU A 150 10.38 10.37 7.63
N GLY A 151 11.09 9.74 8.56
CA GLY A 151 10.77 9.87 9.97
C GLY A 151 10.05 8.68 10.59
N MET A 152 9.99 7.55 9.89
CA MET A 152 9.35 6.36 10.45
C MET A 152 10.19 5.80 11.59
N SER A 153 9.55 5.05 12.49
CA SER A 153 10.22 4.58 13.70
C SER A 153 11.07 3.33 13.46
N SER A 154 11.82 2.96 14.47
CA SER A 154 12.64 1.75 14.40
C SER A 154 11.82 0.47 14.41
N LYS A 155 10.50 0.58 14.57
CA LYS A 155 9.67 -0.62 14.54
C LYS A 155 9.35 -1.09 13.12
N THR A 156 9.61 -0.24 12.14
CA THR A 156 9.38 -0.61 10.74
C THR A 156 10.62 -1.21 10.07
N THR A 157 10.45 -2.35 9.41
CA THR A 157 11.48 -2.89 8.52
C THR A 157 10.83 -3.50 7.28
N PHE A 158 11.32 -3.08 6.12
CA PHE A 158 10.94 -3.65 4.83
C PHE A 158 11.95 -4.72 4.44
N VAL A 159 11.48 -5.76 3.76
CA VAL A 159 12.36 -6.87 3.39
C VAL A 159 12.41 -7.09 1.87
N SER A 160 11.46 -6.51 1.15
CA SER A 160 11.33 -6.74 -0.29
C SER A 160 10.44 -5.67 -0.91
N ALA A 161 10.60 -5.44 -2.22
CA ALA A 161 9.79 -4.46 -2.92
C ALA A 161 8.29 -4.80 -2.87
N SER A 162 7.98 -6.09 -2.87
CA SER A 162 6.60 -6.55 -2.91
C SER A 162 5.97 -6.66 -1.53
N GLY A 163 6.80 -6.95 -0.54
CA GLY A 163 6.29 -7.32 0.77
C GLY A 163 6.21 -8.82 0.98
N LEU A 164 6.61 -9.60 -0.03
CA LEU A 164 6.71 -11.04 0.16
C LEU A 164 7.84 -11.33 1.14
N ASP A 165 7.68 -12.35 1.97
CA ASP A 165 8.73 -12.74 2.91
C ASP A 165 10.01 -13.09 2.16
N VAL A 166 11.15 -12.83 2.81
CA VAL A 166 12.45 -13.21 2.29
C VAL A 166 13.19 -14.01 3.34
N ASP A 167 13.45 -15.28 3.06
CA ASP A 167 14.21 -16.14 3.96
C ASP A 167 13.70 -16.10 5.39
N GLY A 168 12.38 -16.17 5.55
CA GLY A 168 11.78 -16.22 6.86
C GLY A 168 11.59 -14.87 7.52
N LYS A 169 12.01 -13.82 6.83
CA LYS A 169 11.87 -12.46 7.36
C LYS A 169 10.67 -11.76 6.74
N SER A 170 9.86 -11.14 7.60
CA SER A 170 8.63 -10.46 7.16
C SER A 170 8.77 -8.94 7.26
N ALA A 171 8.17 -8.25 6.30
CA ALA A 171 7.97 -6.81 6.41
C ALA A 171 7.05 -6.51 7.57
N VAL A 172 7.45 -5.60 8.45
CA VAL A 172 6.63 -5.26 9.61
C VAL A 172 6.59 -3.75 9.84
N SER A 173 5.54 -3.31 10.52
CA SER A 173 5.40 -1.89 10.86
C SER A 173 4.33 -1.76 11.95
N THR A 174 3.90 -0.52 12.21
CA THR A 174 2.84 -0.22 13.19
C THR A 174 1.81 0.67 12.52
N THR A 175 0.62 0.81 13.10
CA THR A 175 -0.34 1.71 12.47
C THR A 175 0.21 3.14 12.46
N LYS A 176 0.96 3.51 13.50
CA LYS A 176 1.54 4.84 13.56
C LYS A 176 2.53 5.07 12.40
N ASP A 177 3.41 4.12 12.15
CA ASP A 177 4.37 4.27 11.06
C ASP A 177 3.70 4.21 9.69
N LEU A 178 2.68 3.36 9.55
CA LEU A 178 1.96 3.26 8.29
C LEU A 178 1.19 4.55 7.98
N PHE A 179 0.66 5.22 9.01
CA PHE A 179 0.05 6.53 8.81
C PHE A 179 1.08 7.52 8.26
N LEU A 180 2.28 7.52 8.84
CA LEU A 180 3.32 8.45 8.40
C LEU A 180 3.72 8.17 6.95
N LEU A 181 3.93 6.91 6.61
CA LEU A 181 4.30 6.57 5.24
C LEU A 181 3.21 6.99 4.26
N SER A 182 1.97 6.68 4.59
CA SER A 182 0.85 6.98 3.71
C SER A 182 0.67 8.49 3.55
N SER A 183 0.79 9.23 4.66
CA SER A 183 0.63 10.67 4.63
C SER A 183 1.74 11.32 3.79
N LYS A 184 2.98 10.86 3.98
CA LYS A 184 4.11 11.39 3.22
C LYS A 184 3.96 11.07 1.73
N LEU A 185 3.50 9.87 1.43
CA LEU A 185 3.29 9.48 0.04
C LEU A 185 2.24 10.39 -0.63
N ILE A 186 1.13 10.60 0.06
CA ILE A 186 0.04 11.41 -0.49
C ILE A 186 0.42 12.90 -0.58
N SER A 187 1.11 13.44 0.43
CA SER A 187 1.46 14.86 0.40
C SER A 187 2.56 15.15 -0.64
N THR A 188 3.50 14.23 -0.78
CA THR A 188 4.62 14.41 -1.71
C THR A 188 4.23 14.08 -3.15
N HIS A 189 3.37 13.10 -3.31
CA HIS A 189 2.91 12.65 -4.61
C HIS A 189 1.40 12.49 -4.64
N PRO A 190 0.67 13.61 -4.60
CA PRO A 190 -0.80 13.55 -4.58
C PRO A 190 -1.39 12.77 -5.76
N GLU A 191 -0.67 12.72 -6.87
CA GLU A 191 -1.15 12.01 -8.05
C GLU A 191 -1.26 10.50 -7.83
N VAL A 192 -0.72 9.98 -6.72
CA VAL A 192 -0.86 8.56 -6.46
C VAL A 192 -2.35 8.20 -6.37
N LEU A 193 -3.16 9.13 -5.90
CA LEU A 193 -4.58 8.89 -5.74
C LEU A 193 -5.31 8.82 -7.09
N GLU A 194 -4.70 9.37 -8.14
CA GLU A 194 -5.26 9.24 -9.47
C GLU A 194 -5.30 7.78 -9.88
N THR A 195 -4.34 6.98 -9.40
CA THR A 195 -4.33 5.55 -9.72
C THR A 195 -5.14 4.76 -8.70
N THR A 196 -4.96 5.06 -7.41
CA THR A 196 -5.61 4.23 -6.37
C THR A 196 -7.11 4.48 -6.27
N SER A 197 -7.62 5.53 -6.89
CA SER A 197 -9.06 5.78 -6.86
C SER A 197 -9.80 5.05 -7.97
N LYS A 198 -9.08 4.39 -8.87
CA LYS A 198 -9.71 3.73 -10.01
C LYS A 198 -10.11 2.27 -9.72
N PRO A 199 -11.41 1.95 -9.85
CA PRO A 199 -11.83 0.55 -9.67
C PRO A 199 -11.24 -0.41 -10.70
N THR A 200 -11.00 0.10 -11.90
CA THR A 200 -10.35 -0.66 -12.97
C THR A 200 -9.33 0.25 -13.64
N VAL A 201 -8.17 -0.30 -13.97
CA VAL A 201 -7.16 0.44 -14.73
C VAL A 201 -6.91 -0.26 -16.06
N THR A 202 -7.04 0.49 -17.15
CA THR A 202 -6.71 -0.06 -18.46
C THR A 202 -5.25 0.26 -18.72
N THR A 203 -4.43 -0.78 -18.77
CA THR A 203 -3.00 -0.58 -18.98
C THR A 203 -2.73 -0.06 -20.37
N ASP A 204 -1.56 0.53 -20.53
CA ASP A 204 -1.16 0.99 -21.85
C ASP A 204 -0.99 -0.18 -22.82
N LYS A 205 -0.63 -1.35 -22.30
CA LYS A 205 -0.53 -2.53 -23.16
C LYS A 205 -1.92 -2.94 -23.65
N GLY A 206 -2.93 -2.77 -22.80
CA GLY A 206 -4.30 -3.07 -23.20
C GLY A 206 -5.10 -3.83 -22.15
N ALA A 207 -4.42 -4.65 -21.34
CA ALA A 207 -5.10 -5.46 -20.34
C ALA A 207 -5.74 -4.57 -19.28
N LYS A 208 -6.93 -4.98 -18.83
CA LYS A 208 -7.62 -4.25 -17.77
C LYS A 208 -7.38 -4.94 -16.43
N LEU A 209 -6.98 -4.15 -15.45
CA LEU A 209 -6.67 -4.65 -14.12
C LEU A 209 -7.74 -4.22 -13.12
N GLU A 210 -8.13 -5.11 -12.22
CA GLU A 210 -9.19 -4.83 -11.26
C GLU A 210 -8.63 -4.48 -9.90
N SER A 211 -9.12 -3.39 -9.33
CA SER A 211 -8.70 -2.98 -7.99
C SER A 211 -9.12 -3.96 -6.90
N THR A 212 -8.22 -4.18 -5.96
CA THR A 212 -8.53 -4.93 -4.75
C THR A 212 -9.29 -4.09 -3.71
N ASN A 213 -9.40 -2.78 -3.96
CA ASN A 213 -10.10 -1.89 -3.02
C ASN A 213 -11.60 -1.91 -3.26
N ASP A 214 -12.31 -2.72 -2.50
CA ASP A 214 -13.75 -2.90 -2.71
C ASP A 214 -14.59 -1.71 -2.23
N LEU A 215 -13.99 -0.75 -1.55
CA LEU A 215 -14.77 0.37 -1.02
C LEU A 215 -14.84 1.57 -1.96
N LEU A 216 -14.13 1.51 -3.08
CA LEU A 216 -14.23 2.58 -4.06
C LEU A 216 -15.67 2.68 -4.57
N GLY A 217 -16.25 3.87 -4.46
CA GLY A 217 -17.64 4.08 -4.86
C GLY A 217 -18.64 3.73 -3.79
N SER A 218 -18.17 3.23 -2.64
CA SER A 218 -19.05 2.87 -1.53
C SER A 218 -18.96 3.83 -0.35
N ILE A 219 -17.81 4.48 -0.21
CA ILE A 219 -17.61 5.49 0.83
C ILE A 219 -17.32 6.80 0.11
N GLN A 220 -18.16 7.80 0.35
CA GLN A 220 -17.97 9.07 -0.34
C GLN A 220 -16.60 9.65 0.04
N GLY A 221 -15.89 10.13 -0.97
CA GLY A 221 -14.61 10.77 -0.74
C GLY A 221 -13.43 9.81 -0.67
N LEU A 222 -13.69 8.51 -0.64
CA LEU A 222 -12.60 7.54 -0.50
C LEU A 222 -11.86 7.38 -1.82
N ASP A 223 -10.54 7.56 -1.79
CA ASP A 223 -9.76 7.53 -3.04
C ASP A 223 -8.48 6.70 -2.93
N GLY A 224 -8.37 5.89 -1.89
CA GLY A 224 -7.21 5.02 -1.72
C GLY A 224 -7.39 4.15 -0.48
N LEU A 225 -6.39 3.36 -0.12
CA LEU A 225 -5.05 3.42 -0.68
C LEU A 225 -4.47 2.06 -1.10
N LYS A 226 -4.51 1.07 -0.20
CA LYS A 226 -3.84 -0.20 -0.51
C LYS A 226 -4.27 -1.34 0.40
N THR A 227 -4.49 -2.50 -0.18
CA THR A 227 -4.77 -3.74 0.56
C THR A 227 -3.53 -4.58 0.81
N GLY A 228 -3.65 -5.53 1.74
CA GLY A 228 -2.65 -6.57 1.90
C GLY A 228 -3.31 -7.83 2.42
N PHE A 229 -2.75 -8.99 2.10
CA PHE A 229 -3.20 -10.24 2.71
C PHE A 229 -2.16 -11.34 2.64
N THR A 230 -1.86 -11.92 3.80
CA THR A 230 -1.28 -13.26 3.93
C THR A 230 -1.95 -13.93 5.13
N ASP A 231 -1.74 -15.23 5.29
CA ASP A 231 -2.27 -15.90 6.47
C ASP A 231 -1.75 -15.26 7.75
N GLU A 232 -0.46 -14.91 7.75
CA GLU A 232 0.21 -14.32 8.91
C GLU A 232 -0.24 -12.88 9.18
N ALA A 233 -0.37 -12.08 8.13
CA ALA A 233 -0.76 -10.67 8.28
C ALA A 233 -2.26 -10.49 8.42
N GLY A 234 -3.02 -11.51 8.07
CA GLY A 234 -4.46 -11.39 7.94
C GLY A 234 -4.83 -10.40 6.85
N TYR A 235 -6.09 -9.97 6.85
CA TYR A 235 -6.58 -9.05 5.82
C TYR A 235 -6.37 -7.61 6.26
N CYS A 236 -5.64 -6.86 5.42
CA CYS A 236 -5.18 -5.53 5.79
C CYS A 236 -5.66 -4.49 4.79
N PHE A 237 -5.83 -3.26 5.24
CA PHE A 237 -6.19 -2.18 4.32
C PHE A 237 -5.81 -0.82 4.90
N ILE A 238 -5.14 -0.01 4.10
CA ILE A 238 -4.94 1.39 4.39
C ILE A 238 -5.92 2.17 3.52
N GLY A 239 -6.83 2.88 4.17
CA GLY A 239 -7.81 3.70 3.47
C GLY A 239 -7.50 5.17 3.58
N THR A 240 -7.95 5.95 2.62
CA THR A 240 -7.89 7.40 2.76
C THR A 240 -9.08 8.03 2.05
N ALA A 241 -9.58 9.11 2.65
CA ALA A 241 -10.73 9.84 2.14
C ALA A 241 -10.59 11.30 2.51
N GLU A 242 -11.11 12.18 1.66
CA GLU A 242 -11.13 13.61 1.95
C GLU A 242 -12.55 14.14 1.83
N ARG A 243 -12.98 14.91 2.83
CA ARG A 243 -14.26 15.61 2.81
C ARG A 243 -14.10 16.99 3.42
N GLY A 244 -14.63 18.00 2.74
CA GLY A 244 -14.59 19.35 3.27
C GLY A 244 -13.18 19.86 3.54
N GLY A 245 -12.23 19.44 2.72
CA GLY A 245 -10.84 19.84 2.88
C GLY A 245 -10.06 19.09 3.95
N LYS A 246 -10.72 18.15 4.63
CA LYS A 246 -10.09 17.37 5.68
C LYS A 246 -9.86 15.95 5.18
N ARG A 247 -8.61 15.51 5.21
CA ARG A 247 -8.28 14.15 4.82
C ARG A 247 -7.97 13.28 6.02
N VAL A 248 -8.46 12.04 6.00
CA VAL A 248 -8.11 11.10 7.04
C VAL A 248 -7.48 9.87 6.40
N ILE A 249 -6.68 9.17 7.19
CA ILE A 249 -6.08 7.92 6.77
C ILE A 249 -6.41 6.86 7.81
N SER A 250 -6.99 5.75 7.35
CA SER A 250 -7.33 4.65 8.25
C SER A 250 -6.40 3.48 8.02
N ILE A 251 -6.07 2.77 9.09
CA ILE A 251 -5.23 1.58 9.01
C ILE A 251 -5.94 0.40 9.66
N VAL A 252 -6.05 -0.72 8.93
CA VAL A 252 -6.60 -1.97 9.42
C VAL A 252 -5.59 -3.09 9.18
N LEU A 253 -5.18 -3.76 10.25
CA LEU A 253 -4.23 -4.86 10.16
C LEU A 253 -4.81 -6.12 10.80
N ASP A 254 -4.70 -7.23 10.09
CA ASP A 254 -5.10 -8.57 10.57
C ASP A 254 -6.59 -8.66 10.90
N ALA A 255 -7.44 -8.23 9.97
CA ALA A 255 -8.85 -8.57 10.06
C ALA A 255 -9.05 -10.02 9.56
N GLY A 256 -10.18 -10.63 9.89
CA GLY A 256 -10.36 -12.05 9.68
C GLY A 256 -10.76 -12.52 8.30
N THR A 257 -11.42 -11.64 7.54
CA THR A 257 -11.80 -11.91 6.16
C THR A 257 -11.61 -10.66 5.31
N ALA A 258 -11.68 -10.80 3.99
CA ALA A 258 -11.59 -9.65 3.11
C ALA A 258 -12.73 -8.66 3.39
N GLU A 259 -13.93 -9.19 3.61
CA GLU A 259 -15.08 -8.37 3.90
C GLU A 259 -14.90 -7.59 5.20
N LYS A 260 -14.36 -8.25 6.22
CA LYS A 260 -14.22 -7.62 7.52
C LYS A 260 -13.25 -6.43 7.52
N ARG A 261 -12.19 -6.50 6.72
CA ARG A 261 -11.27 -5.37 6.71
C ARG A 261 -11.99 -4.13 6.19
N PHE A 262 -12.95 -4.31 5.30
CA PHE A 262 -13.66 -3.15 4.77
C PHE A 262 -14.79 -2.70 5.69
N LYS A 263 -15.42 -3.65 6.41
CA LYS A 263 -16.40 -3.28 7.43
C LYS A 263 -15.74 -2.49 8.54
N ASP A 264 -14.53 -2.89 8.93
CA ASP A 264 -13.76 -2.13 9.92
C ASP A 264 -13.45 -0.74 9.41
N THR A 265 -13.06 -0.64 8.14
CA THR A 265 -12.73 0.65 7.55
C THR A 265 -13.94 1.58 7.52
N GLU A 266 -15.13 1.02 7.28
CA GLU A 266 -16.35 1.84 7.32
C GLU A 266 -16.52 2.49 8.70
N LYS A 267 -16.32 1.71 9.75
CA LYS A 267 -16.43 2.20 11.12
C LYS A 267 -15.39 3.28 11.42
N LEU A 268 -14.17 3.08 10.92
CA LEU A 268 -13.10 4.03 11.17
C LEU A 268 -13.34 5.34 10.42
N MET A 269 -13.87 5.24 9.19
CA MET A 269 -14.15 6.44 8.41
C MET A 269 -15.28 7.26 9.06
N GLU A 270 -16.25 6.56 9.66
CA GLU A 270 -17.31 7.23 10.41
C GLU A 270 -16.75 8.05 11.58
N VAL A 271 -15.82 7.44 12.32
CA VAL A 271 -15.12 8.14 13.39
C VAL A 271 -14.29 9.29 12.85
N GLY A 272 -13.59 9.03 11.74
CA GLY A 272 -12.70 10.03 11.17
C GLY A 272 -13.40 11.32 10.80
N PHE A 273 -14.66 11.23 10.38
CA PHE A 273 -15.41 12.42 9.97
C PHE A 273 -16.51 12.79 10.95
N LYS A 274 -16.51 12.20 12.13
CA LYS A 274 -17.50 12.52 13.14
C LYS A 274 -17.45 14.00 13.56
#